data_6N7U
#
_entry.id   6N7U
#
_cell.length_a   64.975
_cell.length_b   75.678
_cell.length_c   114.411
_cell.angle_alpha   90.00
_cell.angle_beta   90.00
_cell.angle_gamma   90.00
#
_symmetry.space_group_name_H-M   'P 21 21 21'
#
loop_
_entity.id
_entity.type
_entity.pdbx_description
1 polymer 'BDBV223 antibody heavy chain'
2 polymer 'BDBV223 antibody light chain'
3 water water
#
loop_
_entity_poly.entity_id
_entity_poly.type
_entity_poly.pdbx_seq_one_letter_code
_entity_poly.pdbx_strand_id
1 'polypeptide(L)'
;QVQLQQWGAGLLKPSETLSLTCAVYGGSFTTTYWNWIRQPPGKGLEWIGEVNYSGNANYNPSLKGRVAISVDTSKNQFSL
RLNSVTAADTAIYYCTSRIRSHIAYSWKGDVWGKGTTVTVSSASTKGPSVFPLAPSSKSTSGGTAALGCLVKDYFPEPVT
VSWNSGALTSGVHTFPAVLQSSGLYSLSSVVTVPSSSLGTQTYICNVNHKPSNTKVDKKVEPKSCDKTRA
;
A
2 'polypeptide(L)'
;EIVMTQSPGTLSLSPGERATLSCRASQSVPRNYIGWFQQKPGQAPRLLIYGASSRAAGFPDRFSGSGSGTDFTLTITRLE
PEDFAMYYCHQYDRLPYTFGQGTKLEIKRTVAAPSVFIFPPSDEQLKSGTASVVCLLNNFYPREAKVQWKVDNALQSGNS
QESVTEQDSKDSTYSLSSTLTLSKADYEKHKVYACEVTHQGLRSPVTKSFNRGEC
;
B
#
# COMPACT_ATOMS: atom_id res chain seq x y z
N GLY A 10 15.35 5.14 12.89
CA GLY A 10 13.94 5.23 12.57
C GLY A 10 13.66 6.24 11.47
N LEU A 11 13.64 7.52 11.84
CA LEU A 11 13.40 8.59 10.87
C LEU A 11 14.54 9.60 10.88
N LEU A 12 14.78 10.22 9.73
CA LEU A 12 15.85 11.22 9.62
C LEU A 12 15.57 12.20 8.47
N LYS A 13 16.21 13.36 8.54
CA LYS A 13 16.00 14.42 7.56
C LYS A 13 16.77 14.16 6.26
N PRO A 14 16.35 14.80 5.16
CA PRO A 14 17.07 14.69 3.89
C PRO A 14 18.53 15.13 3.99
N SER A 15 19.35 14.72 3.02
CA SER A 15 20.78 15.03 2.96
C SER A 15 21.56 14.51 4.16
N GLU A 16 20.92 13.66 4.97
CA GLU A 16 21.59 13.01 6.09
C GLU A 16 22.08 11.63 5.69
N THR A 17 22.77 10.95 6.59
CA THR A 17 23.36 9.66 6.26
C THR A 17 22.62 8.49 6.88
N LEU A 18 22.17 7.56 6.04
CA LEU A 18 21.53 6.35 6.53
C LEU A 18 22.57 5.30 6.88
N SER A 19 22.52 4.79 8.10
CA SER A 19 23.47 3.77 8.53
C SER A 19 22.77 2.66 9.32
N LEU A 20 22.86 1.44 8.81
CA LEU A 20 22.26 0.29 9.49
C LEU A 20 23.27 -0.84 9.66
N THR A 21 23.02 -1.72 10.61
CA THR A 21 23.90 -2.86 10.86
C THR A 21 23.11 -4.12 11.20
N CYS A 22 23.49 -5.24 10.60
CA CYS A 22 22.87 -6.52 10.89
C CYS A 22 23.91 -7.52 11.39
N ALA A 23 23.46 -8.44 12.25
CA ALA A 23 24.35 -9.43 12.84
C ALA A 23 24.80 -10.48 11.81
N VAL A 24 25.74 -11.32 12.21
CA VAL A 24 26.26 -12.36 11.33
C VAL A 24 26.18 -13.73 11.98
N GLY A 27 29.54 -19.08 9.97
CA GLY A 27 29.35 -19.97 8.84
C GLY A 27 30.50 -19.94 7.86
N SER A 28 30.33 -20.57 6.72
CA SER A 28 31.35 -20.59 5.68
C SER A 28 31.52 -19.21 5.06
N PHE A 29 32.42 -18.41 5.63
CA PHE A 29 32.61 -17.02 5.22
C PHE A 29 33.14 -16.87 3.80
N THR A 30 33.91 -17.86 3.35
CA THR A 30 34.56 -17.78 2.04
C THR A 30 33.56 -17.85 0.89
N THR A 31 32.41 -18.48 1.12
CA THR A 31 31.40 -18.63 0.08
C THR A 31 30.11 -17.90 0.44
N THR A 32 30.13 -17.17 1.55
CA THR A 32 28.96 -16.43 2.01
C THR A 32 28.90 -15.03 1.42
N TYR A 33 27.74 -14.68 0.85
CA TYR A 33 27.51 -13.34 0.34
C TYR A 33 26.42 -12.65 1.16
N TRP A 34 26.62 -11.38 1.46
CA TRP A 34 25.67 -10.62 2.27
C TRP A 34 25.00 -9.55 1.43
N ASN A 35 23.67 -9.58 1.41
CA ASN A 35 22.90 -8.68 0.56
C ASN A 35 22.00 -7.73 1.34
N TRP A 36 21.83 -6.53 0.82
CA TRP A 36 20.84 -5.60 1.35
C TRP A 36 19.77 -5.34 0.31
N ILE A 37 18.51 -5.39 0.72
CA ILE A 37 17.40 -5.03 -0.16
C ILE A 37 16.46 -4.08 0.55
N ARG A 38 15.59 -3.42 -0.21
CA ARG A 38 14.63 -2.50 0.39
C ARG A 38 13.31 -2.49 -0.38
N GLN A 39 12.24 -2.12 0.31
CA GLN A 39 10.94 -2.00 -0.31
C GLN A 39 10.27 -0.69 0.09
N PRO A 40 10.16 0.25 -0.86
CA PRO A 40 9.41 1.49 -0.64
C PRO A 40 7.93 1.20 -0.42
N PRO A 41 7.23 2.05 0.34
CA PRO A 41 5.80 1.86 0.62
C PRO A 41 4.97 1.68 -0.64
N GLY A 42 4.28 0.55 -0.73
CA GLY A 42 3.39 0.28 -1.85
C GLY A 42 4.10 -0.02 -3.16
N LYS A 43 5.40 -0.29 -3.10
CA LYS A 43 6.17 -0.59 -4.29
C LYS A 43 6.83 -1.95 -4.20
N GLY A 44 7.59 -2.31 -5.23
CA GLY A 44 8.21 -3.62 -5.31
C GLY A 44 9.53 -3.71 -4.57
N LEU A 45 10.15 -4.89 -4.62
CA LEU A 45 11.42 -5.11 -3.96
C LEU A 45 12.57 -4.56 -4.79
N GLU A 46 13.60 -4.05 -4.10
CA GLU A 46 14.75 -3.46 -4.77
C GLU A 46 16.05 -3.96 -4.15
N TRP A 47 16.96 -4.45 -4.98
CA TRP A 47 18.25 -4.93 -4.50
C TRP A 47 19.25 -3.79 -4.40
N ILE A 48 19.95 -3.71 -3.26
CA ILE A 48 20.89 -2.63 -3.02
C ILE A 48 22.33 -3.05 -3.31
N GLY A 49 22.87 -3.97 -2.51
CA GLY A 49 24.25 -4.39 -2.68
C GLY A 49 24.57 -5.78 -2.14
N GLU A 50 25.68 -6.32 -2.62
CA GLU A 50 26.17 -7.61 -2.17
C GLU A 50 27.64 -7.49 -1.76
N VAL A 51 28.07 -8.36 -0.86
CA VAL A 51 29.44 -8.33 -0.34
C VAL A 51 29.95 -9.72 0.12
N ASN A 52 31.19 -10.06 -0.25
CA ASN A 52 31.84 -11.26 0.27
C ASN A 52 32.66 -10.92 1.52
N TYR A 53 33.19 -11.94 2.17
CA TYR A 53 33.86 -11.75 3.46
C TYR A 53 35.14 -10.92 3.35
N SER A 54 35.78 -10.95 2.20
CA SER A 54 37.01 -10.20 1.98
C SER A 54 36.74 -8.70 1.96
N GLY A 55 35.66 -8.31 1.28
CA GLY A 55 35.27 -6.91 1.21
C GLY A 55 35.00 -6.43 -0.20
N ASN A 56 35.02 -7.34 -1.17
CA ASN A 56 34.76 -7.00 -2.57
C ASN A 56 33.31 -6.56 -2.78
N ALA A 57 33.11 -5.45 -3.47
CA ALA A 57 31.83 -4.76 -3.39
C ALA A 57 31.06 -4.72 -4.71
N ASN A 58 29.76 -5.08 -4.67
CA ASN A 58 28.92 -4.81 -5.83
C ASN A 58 27.58 -4.17 -5.48
N TYR A 59 27.18 -3.15 -6.24
CA TYR A 59 25.96 -2.40 -5.94
C TYR A 59 25.07 -2.19 -7.17
N ASN A 60 23.90 -1.59 -6.93
CA ASN A 60 22.96 -1.27 -7.99
C ASN A 60 23.25 0.10 -8.61
N PRO A 61 23.29 0.16 -9.95
CA PRO A 61 23.62 1.37 -10.72
C PRO A 61 22.81 2.62 -10.34
N SER A 62 21.56 2.43 -9.94
CA SER A 62 20.70 3.56 -9.56
C SER A 62 21.32 4.33 -8.40
N LEU A 63 21.88 3.59 -7.45
CA LEU A 63 22.64 4.19 -6.36
C LEU A 63 24.05 4.47 -6.85
N LYS A 64 24.25 5.66 -7.40
CA LYS A 64 25.49 5.99 -8.10
C LYS A 64 26.69 6.23 -7.17
N GLY A 65 26.88 5.34 -6.22
CA GLY A 65 28.03 5.42 -5.32
C GLY A 65 27.68 5.94 -3.95
N ARG A 66 26.42 6.29 -3.74
CA ARG A 66 25.96 6.78 -2.44
C ARG A 66 25.83 5.64 -1.44
N VAL A 67 25.93 4.41 -1.94
CA VAL A 67 25.80 3.22 -1.11
C VAL A 67 27.16 2.61 -0.76
N ALA A 68 27.31 2.17 0.48
CA ALA A 68 28.55 1.53 0.92
C ALA A 68 28.26 0.38 1.89
N ILE A 69 28.65 -0.82 1.50
CA ILE A 69 28.42 -2.01 2.33
C ILE A 69 29.72 -2.71 2.66
N SER A 70 29.98 -2.89 3.95
CA SER A 70 31.19 -3.56 4.41
C SER A 70 30.89 -4.46 5.61
N VAL A 71 31.74 -5.47 5.81
CA VAL A 71 31.55 -6.40 6.92
C VAL A 71 32.68 -6.26 7.93
N ASP A 72 32.32 -6.00 9.19
CA ASP A 72 33.31 -5.84 10.25
C ASP A 72 33.31 -7.02 11.20
N SER A 74 36.01 -8.39 13.15
CA SER A 74 35.84 -8.12 14.58
C SER A 74 34.44 -8.46 15.05
N LYS A 75 33.57 -7.47 15.09
CA LYS A 75 32.21 -7.70 15.49
C LYS A 75 31.55 -8.53 14.44
N ASN A 76 30.64 -9.39 14.84
CA ASN A 76 29.95 -10.21 13.85
C ASN A 76 28.77 -9.46 13.28
N GLN A 77 29.09 -8.56 12.33
CA GLN A 77 28.11 -7.72 11.74
C GLN A 77 28.53 -7.15 10.41
N PHE A 78 27.55 -6.72 9.66
CA PHE A 78 27.78 -6.06 8.38
C PHE A 78 26.87 -4.84 8.27
N SER A 79 27.34 -3.81 7.57
CA SER A 79 26.68 -2.51 7.61
C SER A 79 26.23 -2.00 6.24
N LEU A 80 25.31 -1.04 6.27
CA LEU A 80 24.83 -0.34 5.08
C LEU A 80 24.91 1.16 5.32
N ARG A 81 25.50 1.87 4.37
CA ARG A 81 25.67 3.31 4.49
C ARG A 81 25.24 4.04 3.21
N LEU A 82 24.05 4.63 3.27
CA LEU A 82 23.52 5.38 2.14
C LEU A 82 23.75 6.88 2.34
N ASN A 83 24.49 7.49 1.42
CA ASN A 83 24.85 8.89 1.52
C ASN A 83 23.94 9.81 0.70
N SER A 84 23.68 11.00 1.25
CA SER A 84 22.78 11.99 0.66
C SER A 84 21.37 11.41 0.41
N VAL A 85 20.67 11.12 1.50
CA VAL A 85 19.34 10.50 1.41
C VAL A 85 18.28 11.48 0.90
N THR A 86 17.19 10.92 0.39
CA THR A 86 16.08 11.71 -0.14
C THR A 86 14.78 11.03 0.27
N ALA A 87 13.65 11.70 0.00
CA ALA A 87 12.33 11.13 0.30
C ALA A 87 12.08 9.85 -0.49
N ALA A 88 12.81 9.70 -1.59
CA ALA A 88 12.69 8.50 -2.42
C ALA A 88 13.36 7.30 -1.75
N ASP A 89 14.18 7.57 -0.74
CA ASP A 89 14.89 6.51 -0.03
C ASP A 89 14.07 6.00 1.16
N THR A 90 12.88 6.55 1.33
CA THR A 90 11.96 6.07 2.36
C THR A 90 11.49 4.66 2.03
N ALA A 91 11.82 3.70 2.88
CA ALA A 91 11.52 2.30 2.61
C ALA A 91 11.72 1.42 3.83
N ILE A 92 11.30 0.16 3.72
CA ILE A 92 11.63 -0.84 4.73
C ILE A 92 12.86 -1.60 4.26
N TYR A 93 13.88 -1.66 5.11
CA TYR A 93 15.15 -2.27 4.73
C TYR A 93 15.32 -3.66 5.32
N TYR A 94 15.72 -4.59 4.46
CA TYR A 94 15.98 -5.97 4.85
C TYR A 94 17.42 -6.38 4.51
N CYS A 95 17.98 -7.26 5.32
CA CYS A 95 19.32 -7.78 5.09
C CYS A 95 19.31 -9.31 5.08
N THR A 96 19.96 -9.91 4.09
CA THR A 96 19.97 -11.36 3.94
C THR A 96 21.36 -11.92 3.65
N SER A 97 21.47 -13.25 3.71
CA SER A 97 22.71 -13.95 3.38
C SER A 97 22.47 -14.93 2.25
N ARG A 98 23.55 -15.44 1.66
CA ARG A 98 23.45 -16.31 0.49
C ARG A 98 24.66 -17.23 0.36
N ILE A 99 24.38 -18.50 0.07
CA ILE A 99 25.45 -19.49 -0.13
C ILE A 99 25.44 -20.02 -1.56
N TRP A 107 20.95 -20.46 -2.88
CA TRP A 107 20.42 -20.61 -1.53
C TRP A 107 20.50 -19.32 -0.72
N LYS A 108 19.34 -18.68 -0.54
CA LYS A 108 19.27 -17.40 0.16
C LYS A 108 18.40 -17.54 1.41
N GLY A 109 18.39 -16.52 2.25
CA GLY A 109 17.57 -16.55 3.45
C GLY A 109 18.26 -15.93 4.66
N ASP A 110 17.46 -15.35 5.54
CA ASP A 110 17.97 -14.79 6.77
C ASP A 110 17.13 -15.33 7.91
N GLY A 113 11.30 -12.50 8.71
CA GLY A 113 10.48 -11.32 8.55
C GLY A 113 11.17 -10.07 9.07
N LYS A 114 10.50 -9.37 9.98
CA LYS A 114 11.02 -8.16 10.62
C LYS A 114 11.37 -7.08 9.61
N GLY A 115 12.59 -6.58 9.66
CA GLY A 115 13.03 -5.49 8.80
C GLY A 115 13.11 -4.18 9.57
N THR A 116 13.63 -3.15 8.93
CA THR A 116 13.77 -1.85 9.58
C THR A 116 13.10 -0.72 8.79
N THR A 117 12.05 -0.14 9.36
CA THR A 117 11.32 0.95 8.72
C THR A 117 12.13 2.23 8.74
N VAL A 118 12.35 2.82 7.57
CA VAL A 118 13.10 4.06 7.45
C VAL A 118 12.31 5.13 6.70
N THR A 119 12.10 6.26 7.35
CA THR A 119 11.35 7.37 6.77
C THR A 119 12.23 8.62 6.65
N VAL A 120 12.45 9.07 5.42
CA VAL A 120 13.20 10.30 5.18
C VAL A 120 12.26 11.44 4.84
N SER A 121 12.25 12.46 5.70
CA SER A 121 11.31 13.57 5.55
C SER A 121 11.79 14.85 6.22
N SER A 122 11.42 15.98 5.62
CA SER A 122 11.71 17.29 6.20
C SER A 122 10.50 17.80 6.97
N ALA A 123 9.79 16.89 7.61
CA ALA A 123 8.60 17.26 8.39
C ALA A 123 8.81 17.01 9.87
N SER A 124 7.99 17.65 10.69
CA SER A 124 8.07 17.49 12.14
C SER A 124 6.88 16.68 12.65
N THR A 125 7.03 16.12 13.84
CA THR A 125 5.95 15.36 14.48
C THR A 125 4.73 16.26 14.70
N LYS A 126 3.58 15.82 14.21
CA LYS A 126 2.36 16.61 14.31
C LYS A 126 1.12 15.74 14.46
N GLY A 127 0.28 16.09 15.42
CA GLY A 127 -0.98 15.40 15.62
C GLY A 127 -1.96 15.75 14.50
N PRO A 128 -2.88 14.84 14.20
CA PRO A 128 -3.82 15.04 13.11
C PRO A 128 -5.04 15.88 13.50
N SER A 129 -5.63 16.54 12.51
CA SER A 129 -6.94 17.14 12.69
C SER A 129 -7.99 16.15 12.22
N VAL A 130 -9.08 16.03 12.97
CA VAL A 130 -10.13 15.08 12.60
C VAL A 130 -11.41 15.81 12.20
N PHE A 131 -11.81 15.64 10.95
CA PHE A 131 -13.01 16.30 10.44
C PHE A 131 -14.10 15.27 10.13
N PRO A 132 -15.37 15.70 10.22
CA PRO A 132 -16.45 14.76 9.90
C PRO A 132 -16.65 14.56 8.41
N LEU A 133 -17.04 13.34 8.03
CA LEU A 133 -17.45 13.03 6.67
C LEU A 133 -18.94 12.71 6.66
N ALA A 134 -19.74 13.68 6.26
CA ALA A 134 -21.20 13.54 6.29
C ALA A 134 -21.79 14.09 5.00
N PRO A 135 -22.89 13.47 4.54
CA PRO A 135 -23.56 13.87 3.29
C PRO A 135 -24.12 15.29 3.33
N SER A 136 -24.21 15.90 2.15
CA SER A 136 -24.73 17.26 2.04
C SER A 136 -26.22 17.30 2.36
N SER A 137 -26.96 16.32 1.87
CA SER A 137 -28.40 16.29 2.02
C SER A 137 -28.87 15.16 2.93
N LYS A 138 -30.14 15.23 3.33
CA LYS A 138 -30.74 14.28 4.26
C LYS A 138 -30.87 12.90 3.62
N SER A 139 -30.66 11.86 4.43
CA SER A 139 -30.67 10.50 3.93
C SER A 139 -32.07 9.92 3.71
N THR A 140 -32.27 9.27 2.57
CA THR A 140 -33.53 8.58 2.28
C THR A 140 -33.61 7.28 3.09
N SER A 141 -34.71 7.13 3.82
CA SER A 141 -34.90 5.96 4.68
C SER A 141 -35.00 4.68 3.85
N GLY A 142 -34.63 3.55 4.46
CA GLY A 142 -34.67 2.28 3.78
C GLY A 142 -33.33 1.86 3.19
N GLY A 143 -32.67 2.82 2.54
CA GLY A 143 -31.40 2.54 1.89
C GLY A 143 -30.22 2.58 2.85
N THR A 144 -29.03 2.78 2.29
CA THR A 144 -27.82 2.82 3.10
C THR A 144 -27.19 4.22 3.08
N ALA A 145 -26.64 4.62 4.22
CA ALA A 145 -25.95 5.89 4.35
C ALA A 145 -24.49 5.67 4.67
N ALA A 146 -23.63 6.57 4.18
CA ALA A 146 -22.20 6.49 4.46
C ALA A 146 -21.77 7.66 5.32
N LEU A 147 -20.87 7.40 6.26
CA LEU A 147 -20.33 8.48 7.09
C LEU A 147 -18.89 8.16 7.44
N GLY A 148 -18.17 9.12 8.02
CA GLY A 148 -16.80 8.84 8.40
C GLY A 148 -16.01 9.95 9.06
N CYS A 149 -14.68 9.78 9.06
CA CYS A 149 -13.76 10.75 9.60
C CYS A 149 -12.56 10.93 8.69
N LEU A 150 -12.21 12.18 8.44
CA LEU A 150 -11.01 12.54 7.72
C LEU A 150 -9.92 12.91 8.72
N VAL A 151 -8.91 12.06 8.81
CA VAL A 151 -7.76 12.24 9.69
C VAL A 151 -6.63 12.88 8.90
N LYS A 152 -6.55 14.21 8.95
CA LYS A 152 -5.68 14.95 8.04
C LYS A 152 -4.47 15.60 8.71
N ASP A 153 -3.38 15.70 7.95
CA ASP A 153 -2.19 16.45 8.32
C ASP A 153 -1.52 15.95 9.60
N TYR A 154 -0.97 14.75 9.54
CA TYR A 154 -0.21 14.21 10.67
C TYR A 154 1.11 13.60 10.22
N PHE A 155 2.01 13.39 11.18
CA PHE A 155 3.33 12.83 10.93
C PHE A 155 3.94 12.40 12.26
N PRO A 156 4.59 11.23 12.30
CA PRO A 156 4.76 10.26 11.20
C PRO A 156 3.54 9.36 10.99
N GLU A 157 3.73 8.31 10.20
CA GLU A 157 2.65 7.47 9.68
C GLU A 157 1.66 6.85 10.68
N PRO A 158 2.16 6.09 11.68
CA PRO A 158 1.22 5.23 12.42
C PRO A 158 0.08 5.96 13.12
N VAL A 159 -1.12 5.86 12.55
CA VAL A 159 -2.33 6.33 13.21
C VAL A 159 -3.36 5.20 13.19
N THR A 160 -4.16 5.11 14.24
CA THR A 160 -5.17 4.06 14.28
C THR A 160 -6.58 4.65 14.47
N VAL A 161 -7.56 3.98 13.88
CA VAL A 161 -8.95 4.40 13.94
C VAL A 161 -9.86 3.24 14.29
N SER A 162 -10.75 3.42 15.25
CA SER A 162 -11.83 2.47 15.46
C SER A 162 -13.16 3.21 15.44
N TRP A 163 -14.26 2.50 15.64
CA TRP A 163 -15.57 3.12 15.69
C TRP A 163 -16.38 2.64 16.88
N ASN A 164 -16.95 3.59 17.62
CA ASN A 164 -17.67 3.31 18.85
C ASN A 164 -16.88 2.43 19.81
N SER A 165 -15.61 2.81 19.99
CA SER A 165 -14.68 2.11 20.90
C SER A 165 -14.49 0.64 20.53
N GLY A 166 -14.75 0.31 19.26
CA GLY A 166 -14.54 -1.04 18.77
C GLY A 166 -15.81 -1.87 18.68
N ALA A 167 -16.93 -1.28 19.11
CA ALA A 167 -18.21 -1.97 19.08
C ALA A 167 -18.76 -2.05 17.66
N LEU A 168 -18.30 -1.16 16.80
CA LEU A 168 -18.74 -1.12 15.40
C LEU A 168 -17.59 -1.50 14.47
N THR A 169 -17.70 -2.66 13.84
CA THR A 169 -16.65 -3.16 12.95
C THR A 169 -17.18 -3.49 11.56
N SER A 170 -18.45 -3.89 11.50
CA SER A 170 -19.06 -4.28 10.23
C SER A 170 -19.29 -3.07 9.33
N GLY A 171 -18.82 -3.19 8.09
CA GLY A 171 -19.02 -2.13 7.10
C GLY A 171 -17.98 -1.03 7.19
N VAL A 172 -17.01 -1.19 8.09
CA VAL A 172 -15.97 -0.19 8.26
C VAL A 172 -14.84 -0.36 7.26
N HIS A 173 -14.46 0.73 6.60
CA HIS A 173 -13.30 0.74 5.71
C HIS A 173 -12.35 1.86 6.09
N THR A 174 -11.22 1.50 6.68
CA THR A 174 -10.16 2.46 6.98
C THR A 174 -9.09 2.36 5.89
N PHE A 175 -8.95 3.44 5.14
CA PHE A 175 -8.09 3.44 3.95
C PHE A 175 -6.63 3.68 4.27
N PRO A 176 -5.73 3.18 3.40
CA PRO A 176 -4.31 3.49 3.52
C PRO A 176 -4.07 4.99 3.45
N ALA A 177 -3.18 5.50 4.30
CA ALA A 177 -2.87 6.92 4.30
C ALA A 177 -2.20 7.35 3.01
N VAL A 178 -2.38 8.60 2.63
CA VAL A 178 -1.69 9.15 1.48
C VAL A 178 -0.70 10.21 1.95
N LEU A 179 0.44 10.30 1.25
CA LEU A 179 1.44 11.31 1.58
C LEU A 179 1.21 12.56 0.73
N GLN A 180 0.81 13.64 1.40
CA GLN A 180 0.50 14.89 0.72
C GLN A 180 1.77 15.64 0.35
N SER A 181 1.64 16.62 -0.54
CA SER A 181 2.80 17.39 -1.02
C SER A 181 3.45 18.18 0.10
N SER A 182 2.71 18.43 1.17
CA SER A 182 3.21 19.16 2.32
C SER A 182 4.16 18.30 3.16
N GLY A 183 4.13 16.99 2.93
CA GLY A 183 4.95 16.07 3.69
C GLY A 183 4.17 15.43 4.82
N LEU A 184 2.92 15.83 4.97
CA LEU A 184 2.06 15.29 6.00
C LEU A 184 1.12 14.23 5.43
N TYR A 185 0.71 13.29 6.27
CA TYR A 185 -0.17 12.20 5.83
C TYR A 185 -1.64 12.56 6.03
N SER A 186 -2.50 11.91 5.24
CA SER A 186 -3.94 12.04 5.38
C SER A 186 -4.60 10.69 5.17
N LEU A 187 -5.60 10.40 6.01
CA LEU A 187 -6.26 9.10 5.98
C LEU A 187 -7.77 9.28 6.09
N SER A 188 -8.54 8.43 5.43
CA SER A 188 -9.99 8.45 5.58
C SER A 188 -10.49 7.16 6.18
N SER A 189 -11.46 7.26 7.10
CA SER A 189 -12.11 6.07 7.62
C SER A 189 -13.62 6.20 7.49
N VAL A 190 -14.25 5.25 6.83
CA VAL A 190 -15.69 5.34 6.60
C VAL A 190 -16.44 4.13 7.12
N VAL A 191 -17.76 4.27 7.20
CA VAL A 191 -18.64 3.16 7.53
C VAL A 191 -20.00 3.39 6.89
N THR A 192 -20.58 2.30 6.37
CA THR A 192 -21.92 2.34 5.81
C THR A 192 -22.90 1.68 6.77
N VAL A 193 -23.96 2.41 7.10
CA VAL A 193 -24.96 1.94 8.05
C VAL A 193 -26.35 2.05 7.43
N PRO A 194 -27.32 1.26 7.93
CA PRO A 194 -28.69 1.42 7.42
C PRO A 194 -29.23 2.80 7.77
N SER A 195 -30.02 3.39 6.88
CA SER A 195 -30.48 4.75 7.05
C SER A 195 -31.48 4.91 8.19
N SER A 196 -32.24 3.85 8.46
CA SER A 196 -33.26 3.90 9.49
C SER A 196 -32.69 3.67 10.90
N SER A 197 -31.47 4.16 11.12
CA SER A 197 -30.84 4.04 12.42
C SER A 197 -29.98 5.27 12.72
N LEU A 198 -30.05 6.26 11.83
CA LEU A 198 -29.31 7.50 12.01
C LEU A 198 -29.92 8.37 13.11
N GLY A 199 -31.04 7.92 13.66
CA GLY A 199 -31.72 8.61 14.74
C GLY A 199 -31.75 7.81 16.02
N THR A 200 -31.32 6.57 15.96
CA THR A 200 -31.32 5.71 17.14
C THR A 200 -29.91 5.30 17.56
N GLN A 201 -28.95 5.50 16.67
CA GLN A 201 -27.57 5.11 16.95
C GLN A 201 -26.60 6.27 16.76
N THR A 202 -25.64 6.39 17.68
CA THR A 202 -24.62 7.42 17.57
C THR A 202 -23.33 6.81 16.99
N TYR A 203 -22.59 7.62 16.24
CA TYR A 203 -21.38 7.14 15.60
C TYR A 203 -20.18 8.03 15.91
N ILE A 204 -19.18 7.44 16.57
CA ILE A 204 -18.00 8.17 16.98
C ILE A 204 -16.75 7.45 16.51
N CYS A 205 -15.88 8.15 15.78
CA CYS A 205 -14.62 7.57 15.36
C CYS A 205 -13.57 7.82 16.45
N ASN A 206 -12.80 6.78 16.74
CA ASN A 206 -11.76 6.78 17.77
C ASN A 206 -10.37 6.87 17.15
N VAL A 207 -9.77 8.06 17.21
CA VAL A 207 -8.50 8.28 16.52
C VAL A 207 -7.33 8.41 17.49
N ASN A 208 -6.29 7.60 17.25
CA ASN A 208 -5.11 7.63 18.11
C ASN A 208 -3.82 7.72 17.30
N HIS A 209 -3.07 8.79 17.56
CA HIS A 209 -1.75 9.01 16.97
C HIS A 209 -0.72 9.05 18.08
N LYS A 210 -0.18 7.88 18.41
CA LYS A 210 0.76 7.72 19.50
C LYS A 210 2.07 8.54 19.40
N PRO A 211 2.65 8.68 18.18
CA PRO A 211 3.87 9.49 18.08
C PRO A 211 3.74 10.92 18.61
N SER A 212 2.53 11.48 18.57
CA SER A 212 2.31 12.83 19.09
C SER A 212 1.45 12.82 20.34
N ASN A 213 1.12 11.61 20.81
CA ASN A 213 0.23 11.41 21.94
C ASN A 213 -1.10 12.14 21.72
N THR A 214 -1.68 11.95 20.53
CA THR A 214 -2.92 12.63 20.17
C THR A 214 -4.09 11.67 20.11
N LYS A 215 -4.97 11.75 21.10
CA LYS A 215 -6.22 10.98 21.06
C LYS A 215 -7.39 11.91 20.86
N VAL A 216 -8.19 11.62 19.84
CA VAL A 216 -9.37 12.43 19.54
C VAL A 216 -10.58 11.54 19.43
N ASP A 217 -11.69 11.97 20.06
CA ASP A 217 -12.99 11.30 19.95
C ASP A 217 -13.97 12.14 19.13
N LYS A 218 -14.28 11.69 17.91
CA LYS A 218 -15.10 12.54 17.04
C LYS A 218 -16.48 11.94 16.71
N LYS A 219 -17.53 12.55 17.23
CA LYS A 219 -18.89 12.11 16.92
C LYS A 219 -19.35 12.69 15.59
N VAL A 220 -19.78 11.82 14.70
CA VAL A 220 -20.30 12.24 13.40
C VAL A 220 -21.80 11.98 13.34
N GLU A 221 -22.57 13.04 13.08
CA GLU A 221 -24.02 12.89 13.07
C GLU A 221 -24.66 13.49 11.81
N PRO A 222 -25.47 12.68 11.12
CA PRO A 222 -26.30 13.13 10.00
C PRO A 222 -27.73 13.40 10.46
N LYS A 223 -28.55 13.97 9.58
CA LYS A 223 -29.94 14.24 9.90
C LYS A 223 -30.76 12.96 9.92
N SER A 224 -32.08 13.10 9.95
CA SER A 224 -33.01 11.97 9.97
C SER A 224 -32.77 11.06 11.17
N GLU B 1 21.55 -5.10 -17.65
CA GLU B 1 21.14 -6.03 -16.60
C GLU B 1 20.06 -6.97 -17.11
N ILE B 2 19.63 -7.87 -16.24
CA ILE B 2 18.55 -8.81 -16.57
C ILE B 2 17.22 -8.32 -16.02
N VAL B 3 16.40 -7.72 -16.87
CA VAL B 3 15.04 -7.36 -16.48
C VAL B 3 14.18 -8.62 -16.44
N MET B 4 13.16 -8.63 -15.57
CA MET B 4 12.29 -9.79 -15.44
C MET B 4 10.83 -9.39 -15.48
N THR B 5 10.09 -9.99 -16.40
CA THR B 5 8.67 -9.72 -16.54
C THR B 5 7.83 -10.89 -16.04
N GLN B 6 6.95 -10.60 -15.09
CA GLN B 6 6.07 -11.62 -14.54
C GLN B 6 4.68 -11.56 -15.17
N SER B 7 4.05 -12.71 -15.31
CA SER B 7 2.69 -12.78 -15.84
C SER B 7 1.87 -13.75 -15.00
N PRO B 8 0.53 -13.53 -14.91
CA PRO B 8 -0.27 -12.52 -15.61
C PRO B 8 -0.17 -11.10 -15.03
N GLY B 9 0.37 -10.96 -13.82
CA GLY B 9 0.39 -9.67 -13.16
C GLY B 9 -0.73 -9.58 -12.14
N THR B 10 -1.93 -9.93 -12.57
CA THR B 10 -3.05 -10.13 -11.67
C THR B 10 -3.74 -11.45 -12.01
N LEU B 11 -3.71 -12.38 -11.07
CA LEU B 11 -4.32 -13.69 -11.26
C LEU B 11 -5.52 -13.87 -10.34
N SER B 12 -6.69 -14.08 -10.93
CA SER B 12 -7.92 -14.19 -10.16
C SER B 12 -8.44 -15.62 -10.14
N LEU B 13 -8.32 -16.28 -8.99
CA LEU B 13 -8.75 -17.66 -8.85
C LEU B 13 -9.55 -17.89 -7.56
N SER B 14 -10.01 -19.11 -7.37
CA SER B 14 -10.76 -19.48 -6.18
C SER B 14 -10.07 -20.64 -5.46
N PRO B 15 -10.29 -20.75 -4.13
CA PRO B 15 -9.69 -21.85 -3.35
C PRO B 15 -9.98 -23.22 -3.95
N GLY B 16 -8.97 -24.09 -3.97
CA GLY B 16 -9.11 -25.41 -4.55
C GLY B 16 -8.52 -25.49 -5.95
N GLU B 17 -8.49 -24.36 -6.64
CA GLU B 17 -7.98 -24.31 -8.00
C GLU B 17 -6.45 -24.37 -8.04
N ARG B 18 -5.91 -24.31 -9.25
CA ARG B 18 -4.47 -24.40 -9.47
C ARG B 18 -3.93 -23.08 -10.02
N ALA B 19 -2.85 -22.58 -9.41
CA ALA B 19 -2.27 -21.31 -9.83
C ALA B 19 -0.93 -21.50 -10.54
N THR B 20 -0.76 -20.83 -11.66
CA THR B 20 0.49 -20.87 -12.42
C THR B 20 1.01 -19.46 -12.67
N LEU B 21 2.15 -19.15 -12.07
CA LEU B 21 2.76 -17.82 -12.20
C LEU B 21 4.03 -17.91 -13.01
N SER B 22 4.20 -16.97 -13.94
CA SER B 22 5.32 -17.03 -14.88
C SER B 22 6.31 -15.88 -14.68
N CYS B 23 7.59 -16.21 -14.85
CA CYS B 23 8.66 -15.21 -14.77
C CYS B 23 9.61 -15.39 -15.96
N ARG B 24 9.69 -14.36 -16.81
CA ARG B 24 10.54 -14.39 -17.99
C ARG B 24 11.71 -13.43 -17.85
N ALA B 25 12.92 -13.93 -18.11
CA ALA B 25 14.11 -13.08 -18.07
C ALA B 25 14.51 -12.64 -19.48
N SER B 26 15.05 -11.44 -19.59
CA SER B 26 15.46 -10.91 -20.89
C SER B 26 16.62 -11.71 -21.47
N GLN B 27 17.55 -12.12 -20.61
CA GLN B 27 18.64 -13.01 -21.00
C GLN B 27 18.66 -14.22 -20.06
N SER B 28 19.40 -15.25 -20.44
CA SER B 28 19.40 -16.51 -19.70
C SER B 28 19.97 -16.39 -18.29
N VAL B 29 19.51 -17.25 -17.39
CA VAL B 29 19.99 -17.31 -16.02
C VAL B 29 20.68 -18.66 -15.82
N PRO B 30 22.02 -18.66 -15.83
CA PRO B 30 22.85 -19.88 -15.96
C PRO B 30 22.74 -20.86 -14.80
N ARG B 31 22.92 -20.40 -13.57
CA ARG B 31 22.94 -21.31 -12.42
C ARG B 31 21.56 -21.54 -11.83
N ASN B 32 20.53 -21.09 -12.55
CA ASN B 32 19.15 -21.16 -12.08
C ASN B 32 18.96 -20.49 -10.72
N TYR B 33 19.73 -19.44 -10.47
CA TYR B 33 19.61 -18.68 -9.24
C TYR B 33 18.33 -17.84 -9.25
N ILE B 34 17.20 -18.52 -9.15
CA ILE B 34 15.90 -17.87 -9.17
C ILE B 34 15.17 -18.11 -7.85
N GLY B 35 14.62 -17.05 -7.28
CA GLY B 35 13.88 -17.12 -6.05
C GLY B 35 12.47 -16.57 -6.16
N TRP B 36 11.55 -17.14 -5.40
CA TRP B 36 10.19 -16.66 -5.34
C TRP B 36 9.83 -16.23 -3.92
N PHE B 37 9.29 -15.02 -3.80
CA PHE B 37 8.86 -14.46 -2.52
C PHE B 37 7.34 -14.29 -2.46
N GLN B 38 6.78 -14.62 -1.31
CA GLN B 38 5.37 -14.37 -1.03
C GLN B 38 5.24 -13.22 -0.04
N GLN B 39 4.32 -12.30 -0.30
CA GLN B 39 4.11 -11.16 0.57
C GLN B 39 2.64 -10.81 0.73
N LYS B 40 2.16 -10.81 1.97
CA LYS B 40 0.83 -10.33 2.27
C LYS B 40 0.92 -8.90 2.77
N PRO B 41 -0.10 -8.08 2.48
CA PRO B 41 -0.26 -6.69 2.96
C PRO B 41 0.19 -6.49 4.42
N GLY B 42 1.15 -5.59 4.62
CA GLY B 42 1.58 -5.23 5.96
C GLY B 42 2.61 -6.18 6.52
N GLN B 43 3.00 -7.19 5.75
CA GLN B 43 3.96 -8.18 6.23
C GLN B 43 5.23 -8.20 5.39
N ALA B 44 6.29 -8.75 5.96
CA ALA B 44 7.57 -8.88 5.26
C ALA B 44 7.50 -9.99 4.21
N PRO B 45 8.28 -9.86 3.13
CA PRO B 45 8.31 -10.88 2.08
C PRO B 45 8.89 -12.20 2.60
N ARG B 46 8.13 -13.28 2.48
CA ARG B 46 8.61 -14.59 2.89
C ARG B 46 9.21 -15.35 1.72
N LEU B 47 10.42 -15.87 1.90
CA LEU B 47 11.08 -16.64 0.86
C LEU B 47 10.33 -17.95 0.64
N LEU B 48 9.92 -18.18 -0.60
CA LEU B 48 9.13 -19.36 -0.93
C LEU B 48 9.97 -20.36 -1.73
N ILE B 49 10.68 -19.86 -2.74
CA ILE B 49 11.50 -20.72 -3.58
C ILE B 49 12.92 -20.17 -3.71
N TYR B 50 13.91 -21.06 -3.71
CA TYR B 50 15.28 -20.67 -4.03
C TYR B 50 15.88 -21.68 -5.00
N GLY B 51 16.83 -21.23 -5.81
CA GLY B 51 17.44 -22.09 -6.82
C GLY B 51 16.42 -22.56 -7.83
N ALA B 52 15.40 -21.73 -8.04
CA ALA B 52 14.34 -21.97 -9.03
C ALA B 52 13.44 -23.18 -8.71
N SER B 53 13.98 -24.19 -8.05
CA SER B 53 13.25 -25.44 -7.87
C SER B 53 13.18 -25.93 -6.42
N SER B 54 13.99 -25.36 -5.54
CA SER B 54 14.03 -25.80 -4.15
C SER B 54 13.04 -25.04 -3.27
N ARG B 55 12.19 -25.77 -2.57
CA ARG B 55 11.17 -25.16 -1.72
C ARG B 55 11.74 -24.83 -0.34
N ALA B 56 11.45 -23.62 0.14
CA ALA B 56 11.95 -23.18 1.44
C ALA B 56 11.17 -23.81 2.58
N ALA B 57 11.78 -23.86 3.76
CA ALA B 57 11.13 -24.40 4.94
C ALA B 57 10.04 -23.46 5.43
N GLY B 58 8.86 -24.02 5.69
CA GLY B 58 7.72 -23.24 6.13
C GLY B 58 6.58 -23.29 5.12
N PHE B 59 6.85 -23.84 3.95
CA PHE B 59 5.84 -23.95 2.90
C PHE B 59 5.56 -25.40 2.52
N PRO B 60 4.27 -25.74 2.40
CA PRO B 60 3.82 -27.09 2.03
C PRO B 60 4.16 -27.45 0.60
N ASP B 61 4.04 -28.74 0.25
CA ASP B 61 4.44 -29.22 -1.06
C ASP B 61 3.50 -28.81 -2.18
N ARG B 62 2.47 -28.04 -1.85
CA ARG B 62 1.57 -27.49 -2.86
C ARG B 62 2.32 -26.49 -3.74
N PHE B 63 3.34 -25.87 -3.16
CA PHE B 63 4.17 -24.90 -3.86
C PHE B 63 5.37 -25.60 -4.51
N SER B 64 5.55 -25.38 -5.81
CA SER B 64 6.69 -25.96 -6.51
C SER B 64 7.17 -25.05 -7.64
N GLY B 65 8.49 -24.97 -7.81
CA GLY B 65 9.05 -24.14 -8.87
C GLY B 65 9.79 -24.95 -9.90
N SER B 66 9.82 -24.48 -11.14
CA SER B 66 10.56 -25.17 -12.20
C SER B 66 10.95 -24.22 -13.32
N GLY B 67 11.87 -24.66 -14.17
CA GLY B 67 12.27 -23.86 -15.32
C GLY B 67 13.77 -23.67 -15.42
N SER B 68 14.21 -23.12 -16.53
CA SER B 68 15.61 -22.89 -16.76
C SER B 68 15.83 -21.88 -17.86
N GLY B 69 17.07 -21.43 -18.05
CA GLY B 69 17.33 -20.48 -19.09
C GLY B 69 16.63 -19.17 -18.83
N THR B 70 15.70 -18.81 -19.69
CA THR B 70 14.96 -17.60 -19.57
C THR B 70 13.52 -17.76 -19.09
N ASP B 71 13.07 -18.97 -18.86
CA ASP B 71 11.68 -19.18 -18.46
C ASP B 71 11.59 -19.90 -17.11
N PHE B 72 10.81 -19.32 -16.19
CA PHE B 72 10.63 -19.91 -14.88
C PHE B 72 9.17 -19.84 -14.43
N THR B 73 8.78 -20.77 -13.56
CA THR B 73 7.38 -20.96 -13.20
C THR B 73 7.20 -21.36 -11.74
N LEU B 74 6.22 -20.72 -11.09
CA LEU B 74 5.79 -21.11 -9.76
C LEU B 74 4.37 -21.68 -9.82
N THR B 75 4.19 -22.87 -9.27
CA THR B 75 2.89 -23.54 -9.30
C THR B 75 2.37 -23.78 -7.88
N ILE B 76 1.12 -23.40 -7.66
CA ILE B 76 0.44 -23.63 -6.39
C ILE B 76 -0.79 -24.49 -6.61
N THR B 77 -0.72 -25.75 -6.23
CA THR B 77 -1.84 -26.67 -6.39
C THR B 77 -2.79 -26.59 -5.20
N ARG B 78 -4.08 -26.80 -5.46
CA ARG B 78 -5.10 -26.78 -4.42
C ARG B 78 -5.04 -25.50 -3.58
N LEU B 79 -5.43 -24.39 -4.19
CA LEU B 79 -5.31 -23.08 -3.55
C LEU B 79 -6.05 -22.99 -2.23
N GLU B 80 -5.40 -22.38 -1.24
CA GLU B 80 -5.99 -22.14 0.06
C GLU B 80 -6.13 -20.63 0.27
N PRO B 81 -7.06 -20.20 1.15
CA PRO B 81 -7.30 -18.77 1.36
C PRO B 81 -6.06 -17.98 1.77
N GLU B 82 -5.08 -18.64 2.40
CA GLU B 82 -3.87 -17.95 2.83
C GLU B 82 -2.81 -17.92 1.73
N ASP B 83 -3.14 -18.43 0.55
CA ASP B 83 -2.20 -18.43 -0.57
C ASP B 83 -2.32 -17.16 -1.40
N PHE B 84 -3.48 -16.51 -1.32
CA PHE B 84 -3.75 -15.30 -2.08
C PHE B 84 -2.95 -14.11 -1.53
N ALA B 85 -2.06 -13.59 -2.36
CA ALA B 85 -1.11 -12.56 -1.93
C ALA B 85 -0.28 -12.06 -3.11
N MET B 86 0.72 -11.24 -2.81
CA MET B 86 1.63 -10.76 -3.85
C MET B 86 2.81 -11.72 -4.00
N TYR B 87 3.25 -11.96 -5.23
CA TYR B 87 4.37 -12.86 -5.46
C TYR B 87 5.44 -12.22 -6.34
N TYR B 88 6.68 -12.21 -5.85
CA TYR B 88 7.78 -11.62 -6.61
C TYR B 88 8.78 -12.68 -7.05
N CYS B 89 9.23 -12.59 -8.30
CA CYS B 89 10.33 -13.43 -8.75
C CYS B 89 11.62 -12.62 -8.68
N HIS B 90 12.74 -13.31 -8.55
CA HIS B 90 14.01 -12.66 -8.24
C HIS B 90 15.18 -13.43 -8.85
N GLN B 91 16.11 -12.73 -9.49
CA GLN B 91 17.31 -13.39 -9.97
C GLN B 91 18.54 -12.86 -9.25
N TYR B 92 19.33 -13.77 -8.70
CA TYR B 92 20.56 -13.42 -8.01
C TYR B 92 21.72 -14.16 -8.64
N ASP B 93 21.73 -14.17 -9.98
CA ASP B 93 22.73 -14.90 -10.74
C ASP B 93 23.75 -13.94 -11.35
N ARG B 94 23.26 -12.95 -12.09
CA ARG B 94 24.13 -11.97 -12.73
C ARG B 94 23.92 -10.57 -12.17
N LEU B 95 25.01 -9.95 -11.74
CA LEU B 95 24.97 -8.58 -11.21
C LEU B 95 24.65 -7.59 -12.32
N PRO B 96 23.79 -6.60 -12.02
CA PRO B 96 23.13 -6.41 -10.72
C PRO B 96 21.90 -7.29 -10.55
N TYR B 97 21.67 -7.77 -9.32
CA TYR B 97 20.50 -8.60 -9.03
C TYR B 97 19.23 -7.77 -9.22
N THR B 98 18.20 -8.39 -9.75
CA THR B 98 16.95 -7.68 -10.04
C THR B 98 15.72 -8.39 -9.49
N PHE B 99 14.58 -7.71 -9.58
CA PHE B 99 13.30 -8.25 -9.14
C PHE B 99 12.24 -8.10 -10.22
N GLY B 100 11.27 -9.01 -10.23
CA GLY B 100 10.13 -8.89 -11.11
C GLY B 100 9.18 -7.85 -10.54
N GLN B 101 8.26 -7.36 -11.38
CA GLN B 101 7.33 -6.32 -10.94
C GLN B 101 6.28 -6.89 -10.00
N GLY B 102 6.10 -8.22 -10.04
CA GLY B 102 5.19 -8.90 -9.14
C GLY B 102 3.89 -9.34 -9.77
N THR B 103 3.29 -10.38 -9.19
CA THR B 103 2.00 -10.88 -9.62
C THR B 103 1.05 -10.95 -8.43
N LYS B 104 -0.11 -10.32 -8.55
CA LYS B 104 -1.10 -10.35 -7.48
C LYS B 104 -2.06 -11.51 -7.67
N LEU B 105 -2.02 -12.45 -6.72
CA LEU B 105 -2.96 -13.56 -6.70
C LEU B 105 -4.13 -13.21 -5.79
N GLU B 106 -5.26 -12.87 -6.41
CA GLU B 106 -6.46 -12.44 -5.69
C GLU B 106 -7.59 -13.45 -5.81
N ILE B 107 -8.58 -13.33 -4.94
CA ILE B 107 -9.76 -14.19 -5.01
C ILE B 107 -10.75 -13.66 -6.03
N LYS B 108 -11.14 -14.52 -6.97
CA LYS B 108 -12.08 -14.15 -8.01
C LYS B 108 -13.53 -14.26 -7.53
N ARG B 109 -14.31 -13.23 -7.80
CA ARG B 109 -15.73 -13.24 -7.49
C ARG B 109 -16.51 -12.58 -8.61
N THR B 110 -17.83 -12.55 -8.49
CA THR B 110 -18.68 -11.94 -9.51
C THR B 110 -18.48 -10.42 -9.54
N VAL B 111 -18.76 -9.82 -10.69
CA VAL B 111 -18.62 -8.38 -10.85
C VAL B 111 -19.60 -7.63 -9.95
N ALA B 112 -19.08 -6.65 -9.22
CA ALA B 112 -19.90 -5.82 -8.35
C ALA B 112 -19.61 -4.35 -8.58
N ALA B 113 -20.65 -3.59 -8.91
CA ALA B 113 -20.50 -2.15 -9.13
C ALA B 113 -20.35 -1.43 -7.80
N PRO B 114 -19.55 -0.35 -7.77
CA PRO B 114 -19.34 0.39 -6.52
C PRO B 114 -20.56 1.19 -6.10
N SER B 115 -20.76 1.36 -4.80
CA SER B 115 -21.75 2.30 -4.30
C SER B 115 -21.05 3.62 -4.04
N VAL B 116 -21.51 4.69 -4.70
CA VAL B 116 -20.78 5.95 -4.66
C VAL B 116 -21.38 6.96 -3.69
N PHE B 117 -20.53 7.58 -2.88
CA PHE B 117 -20.96 8.62 -1.95
C PHE B 117 -20.04 9.83 -2.07
N ILE B 118 -20.60 11.02 -1.88
CA ILE B 118 -19.76 12.22 -1.88
C ILE B 118 -19.92 12.99 -0.57
N PHE B 119 -18.81 13.51 -0.08
CA PHE B 119 -18.77 14.26 1.17
C PHE B 119 -18.16 15.63 0.94
N PRO B 120 -18.93 16.69 1.26
CA PRO B 120 -18.44 18.06 1.21
C PRO B 120 -17.44 18.31 2.34
N PRO B 121 -16.64 19.38 2.23
CA PRO B 121 -15.75 19.71 3.35
C PRO B 121 -16.54 20.21 4.55
N SER B 122 -16.01 19.99 5.75
CA SER B 122 -16.69 20.41 6.97
C SER B 122 -16.45 21.89 7.22
N ASP B 123 -17.37 22.53 7.94
CA ASP B 123 -17.21 23.92 8.35
C ASP B 123 -15.97 24.07 9.21
N GLU B 124 -15.72 23.05 10.03
CA GLU B 124 -14.53 22.99 10.88
C GLU B 124 -13.27 23.21 10.05
N GLN B 125 -13.12 22.42 8.99
CA GLN B 125 -11.95 22.51 8.14
C GLN B 125 -11.94 23.82 7.36
N LEU B 126 -13.11 24.24 6.91
CA LEU B 126 -13.24 25.48 6.14
C LEU B 126 -12.77 26.68 6.97
N LYS B 127 -12.87 26.56 8.29
CA LYS B 127 -12.36 27.62 9.17
C LYS B 127 -10.84 27.71 9.15
N SER B 128 -10.18 26.68 8.64
CA SER B 128 -8.72 26.63 8.63
C SER B 128 -8.11 27.11 7.31
N GLY B 129 -8.96 27.27 6.29
CA GLY B 129 -8.51 27.81 5.02
C GLY B 129 -8.27 26.77 3.94
N THR B 130 -8.55 25.52 4.25
CA THR B 130 -8.39 24.44 3.28
C THR B 130 -9.69 23.64 3.17
N ALA B 131 -9.98 23.16 1.97
CA ALA B 131 -11.20 22.38 1.73
C ALA B 131 -10.87 21.02 1.10
N SER B 132 -11.32 19.96 1.76
CA SER B 132 -11.18 18.61 1.24
C SER B 132 -12.54 18.05 0.87
N VAL B 133 -12.69 17.63 -0.39
CA VAL B 133 -13.92 16.98 -0.84
C VAL B 133 -13.63 15.50 -1.04
N VAL B 134 -14.45 14.64 -0.46
CA VAL B 134 -14.13 13.20 -0.49
C VAL B 134 -15.15 12.40 -1.28
N CYS B 135 -14.66 11.49 -2.13
CA CYS B 135 -15.54 10.58 -2.85
C CYS B 135 -15.23 9.13 -2.45
N LEU B 136 -16.28 8.41 -2.06
CA LEU B 136 -16.17 7.03 -1.64
C LEU B 136 -16.78 6.07 -2.65
N LEU B 137 -16.00 5.09 -3.06
CA LEU B 137 -16.46 4.00 -3.91
C LEU B 137 -16.47 2.72 -3.08
N ASN B 138 -17.67 2.25 -2.72
CA ASN B 138 -17.79 1.19 -1.75
C ASN B 138 -18.08 -0.18 -2.34
N ASN B 139 -17.28 -1.16 -1.92
CA ASN B 139 -17.51 -2.58 -2.18
C ASN B 139 -17.71 -2.94 -3.65
N PHE B 140 -16.65 -2.81 -4.44
CA PHE B 140 -16.74 -3.16 -5.85
C PHE B 140 -15.73 -4.22 -6.26
N TYR B 141 -15.97 -4.82 -7.42
CA TYR B 141 -15.06 -5.79 -8.02
C TYR B 141 -15.30 -5.82 -9.52
N PRO B 142 -14.22 -5.86 -10.32
CA PRO B 142 -12.81 -5.92 -9.93
C PRO B 142 -12.25 -4.60 -9.41
N ARG B 143 -10.95 -4.60 -9.09
CA ARG B 143 -10.30 -3.48 -8.44
C ARG B 143 -10.23 -2.22 -9.30
N GLU B 144 -10.18 -2.40 -10.62
CA GLU B 144 -10.03 -1.29 -11.54
C GLU B 144 -11.25 -0.39 -11.55
N ALA B 145 -11.05 0.89 -11.23
CA ALA B 145 -12.12 1.87 -11.22
C ALA B 145 -11.56 3.26 -11.51
N LYS B 146 -12.38 4.13 -12.08
CA LYS B 146 -11.90 5.46 -12.44
C LYS B 146 -12.76 6.57 -11.83
N VAL B 147 -12.09 7.54 -11.23
CA VAL B 147 -12.76 8.69 -10.61
C VAL B 147 -12.36 10.00 -11.30
N GLN B 148 -13.36 10.75 -11.73
CA GLN B 148 -13.14 12.07 -12.33
C GLN B 148 -13.81 13.15 -11.49
N TRP B 149 -13.01 14.10 -11.02
CA TRP B 149 -13.53 15.23 -10.26
C TRP B 149 -13.92 16.37 -11.19
N LYS B 150 -15.10 16.94 -10.96
CA LYS B 150 -15.54 18.10 -11.72
C LYS B 150 -16.01 19.22 -10.79
N VAL B 151 -15.52 20.43 -11.05
CA VAL B 151 -15.95 21.61 -10.30
C VAL B 151 -16.55 22.62 -11.27
N ASP B 152 -17.88 22.78 -11.20
CA ASP B 152 -18.62 23.56 -12.18
C ASP B 152 -18.31 23.05 -13.58
N ASN B 153 -18.36 21.73 -13.73
CA ASN B 153 -18.12 21.03 -14.99
C ASN B 153 -16.69 21.13 -15.51
N ALA B 154 -15.80 21.72 -14.72
CA ALA B 154 -14.39 21.78 -15.07
C ALA B 154 -13.66 20.54 -14.54
N LEU B 155 -13.04 19.79 -15.45
CA LEU B 155 -12.30 18.59 -15.08
C LEU B 155 -11.10 18.92 -14.22
N GLN B 156 -11.01 18.28 -13.06
CA GLN B 156 -9.90 18.51 -12.14
C GLN B 156 -8.78 17.49 -12.37
N SER B 157 -7.55 17.98 -12.37
CA SER B 157 -6.39 17.11 -12.58
C SER B 157 -5.19 17.56 -11.74
N GLY B 158 -4.55 16.61 -11.09
CA GLY B 158 -3.34 16.88 -10.33
C GLY B 158 -3.58 17.45 -8.94
N ASN B 159 -4.85 17.54 -8.54
CA ASN B 159 -5.18 18.04 -7.22
C ASN B 159 -6.00 17.05 -6.39
N SER B 160 -5.87 15.77 -6.70
CA SER B 160 -6.58 14.74 -5.96
C SER B 160 -5.68 13.54 -5.66
N GLN B 161 -6.01 12.81 -4.59
CA GLN B 161 -5.26 11.61 -4.25
C GLN B 161 -6.19 10.45 -3.87
N GLU B 162 -5.87 9.26 -4.37
CA GLU B 162 -6.68 8.08 -4.11
C GLU B 162 -5.96 7.07 -3.24
N SER B 163 -6.72 6.24 -2.53
CA SER B 163 -6.17 5.05 -1.90
C SER B 163 -7.22 3.95 -1.90
N VAL B 164 -6.75 2.70 -1.98
CA VAL B 164 -7.65 1.55 -2.09
C VAL B 164 -7.40 0.55 -0.97
N THR B 165 -8.46 -0.03 -0.44
CA THR B 165 -8.34 -1.05 0.60
C THR B 165 -7.90 -2.38 -0.01
N GLU B 166 -7.37 -3.26 0.83
CA GLU B 166 -7.05 -4.61 0.41
C GLU B 166 -8.34 -5.38 0.19
N GLN B 167 -8.27 -6.48 -0.54
CA GLN B 167 -9.46 -7.28 -0.83
C GLN B 167 -10.10 -7.76 0.46
N ASP B 168 -11.38 -7.46 0.61
CA ASP B 168 -12.12 -7.76 1.84
C ASP B 168 -12.16 -9.26 2.12
N SER B 169 -11.98 -9.63 3.37
CA SER B 169 -11.92 -11.04 3.76
C SER B 169 -13.29 -11.72 3.71
N LYS B 170 -14.36 -10.93 3.73
CA LYS B 170 -15.70 -11.47 3.77
C LYS B 170 -16.33 -11.60 2.38
N ASP B 171 -16.40 -10.49 1.65
CA ASP B 171 -17.08 -10.48 0.36
C ASP B 171 -16.13 -10.32 -0.83
N SER B 172 -14.82 -10.31 -0.55
CA SER B 172 -13.79 -10.25 -1.59
C SER B 172 -13.89 -9.03 -2.50
N THR B 173 -14.41 -7.93 -1.98
CA THR B 173 -14.54 -6.70 -2.76
C THR B 173 -13.45 -5.70 -2.41
N TYR B 174 -13.40 -4.61 -3.17
CA TYR B 174 -12.48 -3.50 -2.90
C TYR B 174 -13.25 -2.22 -2.63
N SER B 175 -12.62 -1.30 -1.91
CA SER B 175 -13.18 0.02 -1.70
C SER B 175 -12.12 1.08 -1.98
N LEU B 176 -12.55 2.23 -2.47
CA LEU B 176 -11.63 3.29 -2.88
C LEU B 176 -12.06 4.63 -2.29
N SER B 177 -11.07 5.41 -1.84
CA SER B 177 -11.34 6.77 -1.36
C SER B 177 -10.51 7.77 -2.14
N SER B 178 -11.16 8.82 -2.62
CA SER B 178 -10.49 9.87 -3.36
C SER B 178 -10.70 11.22 -2.69
N THR B 179 -9.64 12.01 -2.58
CA THR B 179 -9.72 13.31 -1.93
C THR B 179 -9.26 14.42 -2.86
N LEU B 180 -10.18 15.34 -3.16
CA LEU B 180 -9.89 16.54 -3.92
C LEU B 180 -9.56 17.67 -2.95
N THR B 181 -8.40 18.30 -3.14
CA THR B 181 -7.96 19.35 -2.23
C THR B 181 -7.94 20.71 -2.90
N LEU B 182 -8.67 21.66 -2.33
CA LEU B 182 -8.71 23.03 -2.84
C LEU B 182 -8.50 24.01 -1.71
N SER B 183 -8.09 25.24 -2.03
CA SER B 183 -8.04 26.29 -1.02
C SER B 183 -9.46 26.73 -0.72
N LYS B 184 -9.67 27.34 0.45
CA LYS B 184 -11.01 27.78 0.83
C LYS B 184 -11.57 28.80 -0.16
N ALA B 185 -10.72 29.70 -0.61
CA ALA B 185 -11.13 30.74 -1.55
C ALA B 185 -11.67 30.13 -2.84
N ASP B 186 -10.87 29.26 -3.47
CA ASP B 186 -11.28 28.58 -4.70
C ASP B 186 -12.54 27.77 -4.49
N TYR B 187 -12.66 27.16 -3.32
CA TYR B 187 -13.85 26.36 -3.00
C TYR B 187 -15.10 27.24 -2.95
N GLU B 188 -15.00 28.37 -2.28
CA GLU B 188 -16.11 29.29 -2.15
C GLU B 188 -16.43 29.97 -3.47
N LYS B 189 -15.47 29.97 -4.39
CA LYS B 189 -15.65 30.61 -5.69
C LYS B 189 -16.43 29.74 -6.68
N HIS B 190 -16.88 28.56 -6.24
CA HIS B 190 -17.60 27.65 -7.13
C HIS B 190 -18.79 26.98 -6.43
N LYS B 191 -19.69 26.41 -7.23
CA LYS B 191 -20.95 25.89 -6.72
C LYS B 191 -21.09 24.38 -6.79
N VAL B 192 -21.01 23.83 -8.00
CA VAL B 192 -21.28 22.41 -8.21
C VAL B 192 -20.02 21.54 -8.10
N TYR B 193 -20.03 20.61 -7.14
CA TYR B 193 -18.92 19.70 -6.96
C TYR B 193 -19.35 18.27 -7.22
N ALA B 194 -18.70 17.62 -8.18
CA ALA B 194 -19.14 16.31 -8.64
C ALA B 194 -18.02 15.28 -8.71
N CYS B 195 -18.35 14.06 -8.30
CA CYS B 195 -17.48 12.92 -8.45
C CYS B 195 -18.13 11.94 -9.45
N GLU B 196 -17.45 11.69 -10.55
CA GLU B 196 -17.96 10.80 -11.59
C GLU B 196 -17.17 9.50 -11.62
N VAL B 197 -17.87 8.39 -11.49
CA VAL B 197 -17.23 7.08 -11.35
C VAL B 197 -17.53 6.18 -12.54
N THR B 198 -16.48 5.59 -13.10
CA THR B 198 -16.64 4.59 -14.15
C THR B 198 -16.05 3.26 -13.72
N HIS B 199 -16.78 2.19 -14.00
CA HIS B 199 -16.42 0.84 -13.58
C HIS B 199 -17.10 -0.15 -14.53
N GLN B 200 -16.48 -1.31 -14.75
CA GLN B 200 -16.99 -2.25 -15.74
C GLN B 200 -18.33 -2.86 -15.33
N GLY B 201 -18.68 -2.72 -14.05
CA GLY B 201 -19.95 -3.23 -13.56
C GLY B 201 -21.07 -2.21 -13.68
N LEU B 202 -20.71 -1.01 -14.10
CA LEU B 202 -21.69 0.06 -14.27
C LEU B 202 -22.16 0.18 -15.72
N ARG B 203 -23.45 0.16 -15.94
CA ARG B 203 -24.00 0.29 -17.27
C ARG B 203 -23.62 1.65 -17.84
N SER B 204 -23.57 2.66 -17.00
CA SER B 204 -23.16 4.00 -17.39
C SER B 204 -22.51 4.65 -16.18
N PRO B 205 -21.63 5.65 -16.41
CA PRO B 205 -20.94 6.33 -15.30
C PRO B 205 -21.90 6.87 -14.25
N VAL B 206 -21.51 6.75 -12.98
CA VAL B 206 -22.35 7.23 -11.87
C VAL B 206 -21.78 8.52 -11.30
N THR B 207 -22.58 9.58 -11.32
CA THR B 207 -22.13 10.86 -10.81
C THR B 207 -22.85 11.25 -9.52
N LYS B 208 -22.08 11.45 -8.46
CA LYS B 208 -22.63 11.98 -7.22
C LYS B 208 -22.13 13.41 -7.02
N SER B 209 -23.04 14.33 -6.75
CA SER B 209 -22.64 15.74 -6.66
C SER B 209 -23.37 16.48 -5.55
N PHE B 210 -22.90 17.70 -5.28
CA PHE B 210 -23.59 18.59 -4.35
C PHE B 210 -23.34 20.05 -4.71
N ASN B 211 -24.21 20.92 -4.22
CA ASN B 211 -24.05 22.36 -4.39
C ASN B 211 -23.57 23.00 -3.10
N ARG B 212 -22.47 23.74 -3.17
CA ARG B 212 -21.97 24.47 -2.02
C ARG B 212 -22.99 25.51 -1.56
N GLY B 213 -23.49 25.33 -0.34
CA GLY B 213 -24.52 26.20 0.20
C GLY B 213 -25.90 25.60 0.02
N GLU B 214 -25.94 24.37 -0.49
CA GLU B 214 -27.19 23.68 -0.82
C GLU B 214 -28.06 24.50 -1.76
#